data_8TQD
#
_entry.id   8TQD
#
_cell.length_a   57.210
_cell.length_b   57.210
_cell.length_c   71.850
_cell.angle_alpha   90.00
_cell.angle_beta   90.00
_cell.angle_gamma   120.00
#
_symmetry.space_group_name_H-M   'P 31'
#
loop_
_entity.id
_entity.type
_entity.pdbx_description
1 polymer 'Nuclear factor NF-kappa-B p105 subunit'
2 non-polymer 1-(2-bromo-4-chlorophenyl)-N-{(3S)-1-[(E)-iminomethyl]pyrrolidin-3-yl}methanesulfonamide
3 water water
#
_entity_poly.entity_id   1
_entity_poly.type   'polypeptide(L)'
_entity_poly.pdbx_seq_one_letter_code
;GDGPYLQILEQPKQRGFRFRYVCEGPSHGGLPGASSEKNKKSYPQVKICNYVGPAKVIVQLVTNGKNIHLHAHSLVGKHC
EDGICTVTAGPKDMVVGFANLGILHVTKKKVFETLEARMTEACIRGYNPGLLVHPDLAYLQAEGGGDRQLGDREKELIRQ
AALQQTKEMDLSVVRLMFTAFLPDSTGSFTRRLEPVVSDAIYDSKAP
;
_entity_poly.pdbx_strand_id   A
#
loop_
_chem_comp.id
_chem_comp.type
_chem_comp.name
_chem_comp.formula
JMR non-polymer 1-(2-bromo-4-chlorophenyl)-N-{(3S)-1-[(E)-iminomethyl]pyrrolidin-3-yl}methanesulfonamide 'C12 H15 Br Cl N3 O2 S'
#
# COMPACT_ATOMS: atom_id res chain seq x y z
N ASP A 2 -15.98 9.05 -19.68
CA ASP A 2 -15.02 8.04 -19.16
C ASP A 2 -15.09 8.04 -17.63
N GLY A 3 -14.95 6.85 -17.03
CA GLY A 3 -15.17 6.66 -15.61
C GLY A 3 -14.05 7.25 -14.75
N PRO A 4 -14.28 7.43 -13.44
CA PRO A 4 -13.23 7.88 -12.52
C PRO A 4 -12.08 6.88 -12.41
N TYR A 5 -10.84 7.40 -12.40
CA TYR A 5 -9.64 6.58 -12.31
C TYR A 5 -8.55 7.31 -11.53
N LEU A 6 -7.62 6.55 -10.93
CA LEU A 6 -6.46 7.12 -10.28
C LEU A 6 -5.28 7.20 -11.26
N GLN A 7 -4.56 8.32 -11.21
CA GLN A 7 -3.41 8.62 -12.04
C GLN A 7 -2.18 8.80 -11.15
N ILE A 8 -1.06 8.12 -11.45
CA ILE A 8 0.21 8.46 -10.81
C ILE A 8 0.81 9.66 -11.54
N LEU A 9 1.13 10.74 -10.81
CA LEU A 9 1.76 11.91 -11.41
C LEU A 9 3.28 11.87 -11.22
N GLU A 10 3.72 11.52 -10.01
CA GLU A 10 5.15 11.34 -9.75
C GLU A 10 5.34 10.03 -9.00
N GLN A 11 6.23 9.18 -9.55
CA GLN A 11 6.58 7.91 -8.96
C GLN A 11 7.46 8.13 -7.74
N PRO A 12 7.63 7.11 -6.86
CA PRO A 12 8.73 7.13 -5.90
C PRO A 12 10.04 6.96 -6.68
N LYS A 13 11.14 7.53 -6.18
CA LYS A 13 12.45 7.26 -6.74
C LYS A 13 12.83 5.81 -6.47
N GLN A 14 13.48 5.14 -7.45
CA GLN A 14 13.71 3.71 -7.35
C GLN A 14 14.87 3.41 -6.41
N ARG A 15 15.95 4.20 -6.50
CA ARG A 15 17.16 3.88 -5.76
C ARG A 15 17.65 5.11 -4.99
N GLY A 16 18.35 4.86 -3.88
CA GLY A 16 18.94 5.92 -3.08
C GLY A 16 18.23 6.19 -1.75
N PHE A 17 17.21 5.41 -1.40
CA PHE A 17 16.53 5.57 -0.12
C PHE A 17 16.55 4.24 0.63
N ARG A 18 17.13 4.21 1.85
CA ARG A 18 17.25 2.93 2.53
C ARG A 18 16.04 2.70 3.42
N PHE A 19 15.66 1.42 3.51
CA PHE A 19 14.61 0.96 4.40
C PHE A 19 15.12 1.13 5.83
N ARG A 20 14.29 1.74 6.67
CA ARG A 20 14.71 2.10 8.01
C ARG A 20 14.43 0.94 8.96
N TYR A 21 15.08 0.99 10.14
CA TYR A 21 14.92 0.00 11.20
C TYR A 21 14.15 0.62 12.37
N VAL A 22 13.58 -0.24 13.21
CA VAL A 22 12.79 0.18 14.37
C VAL A 22 13.55 1.21 15.21
N CYS A 23 14.86 1.01 15.35
CA CYS A 23 15.66 1.75 16.31
C CYS A 23 15.90 3.20 15.89
N GLU A 24 15.65 3.53 14.62
CA GLU A 24 15.78 4.90 14.14
C GLU A 24 14.60 5.74 14.61
N GLY A 25 13.58 5.07 15.15
CA GLY A 25 12.48 5.76 15.80
C GLY A 25 11.58 6.46 14.80
N PRO A 26 10.92 7.58 15.18
CA PRO A 26 10.10 8.35 14.25
C PRO A 26 10.94 9.08 13.21
N SER A 27 10.30 9.53 12.12
CA SER A 27 10.97 10.39 11.16
C SER A 27 9.98 11.39 10.56
N HIS A 28 10.50 12.59 10.28
CA HIS A 28 9.78 13.65 9.58
C HIS A 28 10.12 13.61 8.09
N GLY A 29 11.17 12.85 7.73
CA GLY A 29 11.60 12.74 6.34
C GLY A 29 10.71 11.76 5.55
N GLY A 30 10.96 11.66 4.24
CA GLY A 30 10.11 10.88 3.36
C GLY A 30 10.87 10.23 2.19
N LEU A 31 10.43 9.04 1.82
CA LEU A 31 10.71 8.44 0.52
C LEU A 31 10.60 9.52 -0.56
N PRO A 32 11.66 9.82 -1.34
CA PRO A 32 11.59 10.83 -2.38
C PRO A 32 10.84 10.41 -3.65
N GLY A 33 10.29 11.40 -4.35
CA GLY A 33 9.71 11.23 -5.67
C GLY A 33 10.81 11.09 -6.72
N ALA A 34 10.46 10.53 -7.88
CA ALA A 34 11.45 10.25 -8.91
C ALA A 34 12.14 11.52 -9.39
N SER A 35 11.46 12.67 -9.32
CA SER A 35 11.97 13.92 -9.87
C SER A 35 12.68 14.79 -8.83
N SER A 36 12.99 14.24 -7.65
CA SER A 36 13.42 15.03 -6.50
C SER A 36 14.89 15.45 -6.61
N GLU A 37 15.17 16.69 -6.15
CA GLU A 37 16.49 17.32 -6.16
C GLU A 37 16.72 18.01 -4.82
N LYS A 38 18.00 18.16 -4.41
CA LYS A 38 18.34 18.86 -3.18
C LYS A 38 17.56 20.17 -3.03
N ASN A 39 17.44 20.93 -4.13
CA ASN A 39 16.93 22.29 -4.08
C ASN A 39 15.41 22.33 -4.24
N LYS A 40 14.82 21.32 -4.89
CA LYS A 40 13.37 21.14 -4.94
C LYS A 40 13.03 19.67 -4.68
N LYS A 41 12.86 19.35 -3.39
CA LYS A 41 12.38 18.05 -2.95
C LYS A 41 10.97 17.83 -3.48
N SER A 42 10.73 16.62 -4.01
CA SER A 42 9.42 16.21 -4.49
C SER A 42 9.18 14.77 -4.02
N TYR A 43 7.91 14.34 -4.12
CA TYR A 43 7.42 13.16 -3.41
C TYR A 43 6.45 12.42 -4.32
N PRO A 44 6.20 11.10 -4.05
CA PRO A 44 5.18 10.37 -4.77
C PRO A 44 3.88 11.16 -4.70
N GLN A 45 3.16 11.16 -5.82
CA GLN A 45 2.04 12.05 -6.02
C GLN A 45 1.08 11.38 -7.00
N VAL A 46 -0.21 11.33 -6.62
CA VAL A 46 -1.25 10.77 -7.47
C VAL A 46 -2.37 11.80 -7.62
N LYS A 47 -3.27 11.57 -8.60
CA LYS A 47 -4.44 12.40 -8.87
C LYS A 47 -5.64 11.49 -9.16
N ILE A 48 -6.80 11.79 -8.54
CA ILE A 48 -8.06 11.17 -8.92
C ILE A 48 -8.65 11.97 -10.09
N CYS A 49 -9.11 11.24 -11.11
CA CYS A 49 -9.49 11.82 -12.39
C CYS A 49 -10.93 11.46 -12.73
N ASN A 50 -11.58 12.32 -13.52
CA ASN A 50 -12.95 12.12 -13.99
C ASN A 50 -13.91 12.05 -12.82
N TYR A 51 -13.54 12.74 -11.74
CA TYR A 51 -14.36 12.83 -10.53
C TYR A 51 -13.80 13.96 -9.66
N VAL A 52 -14.70 14.78 -9.12
CA VAL A 52 -14.35 15.80 -8.15
C VAL A 52 -15.27 15.61 -6.94
N GLY A 53 -14.69 15.64 -5.74
CA GLY A 53 -15.45 15.39 -4.52
C GLY A 53 -14.60 14.66 -3.48
N PRO A 54 -15.15 14.36 -2.28
CA PRO A 54 -14.38 13.69 -1.24
C PRO A 54 -14.01 12.27 -1.65
N ALA A 55 -12.84 11.82 -1.20
CA ALA A 55 -12.36 10.50 -1.54
C ALA A 55 -11.41 10.00 -0.46
N LYS A 56 -11.10 8.70 -0.52
CA LYS A 56 -10.14 8.05 0.35
C LYS A 56 -9.05 7.45 -0.53
N VAL A 57 -7.77 7.61 -0.13
CA VAL A 57 -6.67 6.98 -0.86
C VAL A 57 -5.84 6.16 0.13
N ILE A 58 -5.60 4.88 -0.20
CA ILE A 58 -4.69 4.07 0.59
C ILE A 58 -3.42 3.80 -0.22
N VAL A 59 -2.32 3.60 0.51
CA VAL A 59 -1.08 3.07 -0.03
C VAL A 59 -0.76 1.77 0.72
N GLN A 60 -0.56 0.68 -0.03
CA GLN A 60 -0.09 -0.59 0.52
C GLN A 60 1.32 -0.88 -0.02
N LEU A 61 2.10 -1.65 0.74
CA LEU A 61 3.41 -2.13 0.32
C LEU A 61 3.22 -3.50 -0.33
N VAL A 62 3.66 -3.66 -1.59
CA VAL A 62 3.52 -4.91 -2.30
C VAL A 62 4.89 -5.38 -2.81
N THR A 63 4.88 -6.60 -3.37
CA THR A 63 6.08 -7.30 -3.79
C THR A 63 6.43 -6.92 -5.23
N ASN A 64 7.61 -7.35 -5.67
CA ASN A 64 8.09 -7.09 -7.02
C ASN A 64 8.14 -8.39 -7.83
N GLY A 65 7.28 -9.35 -7.47
CA GLY A 65 7.21 -10.62 -8.19
C GLY A 65 6.15 -10.58 -9.31
N LYS A 66 6.20 -11.59 -10.19
CA LYS A 66 5.28 -11.66 -11.32
C LYS A 66 3.83 -11.77 -10.83
N ASN A 67 3.59 -12.51 -9.75
CA ASN A 67 2.30 -12.48 -9.07
C ASN A 67 2.41 -11.52 -7.88
N ILE A 68 1.80 -10.33 -7.99
CA ILE A 68 2.07 -9.28 -7.01
C ILE A 68 1.22 -9.52 -5.76
N HIS A 69 1.89 -9.51 -4.60
CA HIS A 69 1.29 -9.83 -3.30
C HIS A 69 1.63 -8.75 -2.28
N LEU A 70 1.11 -8.90 -1.05
CA LEU A 70 1.46 -8.04 0.08
C LEU A 70 2.90 -8.27 0.52
N HIS A 71 3.63 -7.18 0.77
CA HIS A 71 4.98 -7.24 1.31
C HIS A 71 4.94 -7.27 2.83
N ALA A 72 6.03 -7.78 3.45
CA ALA A 72 6.12 -7.95 4.90
C ALA A 72 6.62 -6.69 5.61
N HIS A 73 7.42 -5.84 4.93
CA HIS A 73 7.79 -4.53 5.46
C HIS A 73 6.53 -3.69 5.66
N SER A 74 6.65 -2.61 6.44
CA SER A 74 5.56 -1.72 6.82
C SER A 74 5.82 -0.28 6.37
N LEU A 75 4.81 0.39 5.80
CA LEU A 75 4.81 1.84 5.68
C LEU A 75 4.57 2.48 7.04
N VAL A 76 5.48 3.42 7.40
CA VAL A 76 5.42 4.19 8.64
C VAL A 76 5.54 5.67 8.29
N GLY A 77 5.07 6.52 9.23
CA GLY A 77 4.99 7.94 9.03
C GLY A 77 3.60 8.47 9.37
N LYS A 78 3.34 9.75 9.05
CA LYS A 78 2.03 10.33 9.28
C LYS A 78 1.01 9.54 8.47
N HIS A 79 -0.11 9.19 9.13
CA HIS A 79 -1.23 8.57 8.44
C HIS A 79 -0.93 7.12 8.10
N CYS A 80 0.04 6.51 8.78
CA CYS A 80 0.36 5.11 8.59
C CYS A 80 -0.10 4.34 9.83
N GLU A 81 -0.91 3.30 9.60
CA GLU A 81 -1.31 2.33 10.61
C GLU A 81 -1.19 0.94 10.00
N ASP A 82 -0.63 -0.01 10.76
CA ASP A 82 -0.57 -1.41 10.39
C ASP A 82 -0.09 -1.56 8.94
N GLY A 83 0.92 -0.76 8.57
CA GLY A 83 1.59 -0.86 7.29
C GLY A 83 0.76 -0.32 6.12
N ILE A 84 -0.29 0.45 6.42
CA ILE A 84 -1.07 1.08 5.39
C ILE A 84 -1.13 2.57 5.69
N CYS A 85 -0.87 3.37 4.66
CA CYS A 85 -1.03 4.81 4.69
C CYS A 85 -2.41 5.19 4.16
N THR A 86 -3.22 5.86 5.00
CA THR A 86 -4.60 6.19 4.67
C THR A 86 -4.78 7.70 4.81
N VAL A 87 -5.08 8.37 3.68
CA VAL A 87 -5.26 9.81 3.60
C VAL A 87 -6.63 10.11 2.97
N THR A 88 -7.01 11.39 2.91
CA THR A 88 -8.19 11.82 2.19
C THR A 88 -7.77 12.64 0.97
N ALA A 89 -8.67 12.74 -0.02
CA ALA A 89 -8.53 13.66 -1.14
C ALA A 89 -9.80 14.49 -1.29
N GLY A 90 -9.71 15.57 -2.06
CA GLY A 90 -10.86 16.40 -2.38
C GLY A 90 -11.15 17.44 -1.30
N PRO A 91 -12.28 18.19 -1.39
CA PRO A 91 -13.31 17.96 -2.40
C PRO A 91 -13.08 18.69 -3.72
N LYS A 92 -12.09 19.58 -3.77
CA LYS A 92 -11.82 20.38 -4.96
C LYS A 92 -10.49 19.94 -5.58
N ASP A 93 -9.41 20.02 -4.79
CA ASP A 93 -8.09 19.57 -5.21
C ASP A 93 -8.02 18.04 -5.12
N MET A 94 -7.71 17.41 -6.25
CA MET A 94 -7.82 15.97 -6.41
C MET A 94 -6.44 15.31 -6.43
N VAL A 95 -5.39 16.11 -6.17
CA VAL A 95 -4.00 15.67 -6.18
C VAL A 95 -3.55 15.46 -4.74
N VAL A 96 -2.90 14.31 -4.47
CA VAL A 96 -2.46 13.92 -3.14
C VAL A 96 -0.98 13.52 -3.21
N GLY A 97 -0.16 14.07 -2.29
CA GLY A 97 1.26 13.73 -2.20
C GLY A 97 1.58 13.03 -0.88
N PHE A 98 2.71 12.32 -0.82
CA PHE A 98 3.13 11.56 0.34
C PHE A 98 4.58 11.90 0.68
N ALA A 99 4.77 12.81 1.64
CA ALA A 99 6.07 13.39 1.93
C ALA A 99 6.69 12.81 3.20
N ASN A 100 6.05 11.81 3.82
CA ASN A 100 6.51 11.30 5.10
C ASN A 100 6.39 9.78 5.13
N LEU A 101 6.69 9.14 3.98
CA LEU A 101 6.65 7.68 3.86
C LEU A 101 8.03 7.13 4.25
N GLY A 102 8.03 6.17 5.19
CA GLY A 102 9.18 5.33 5.45
C GLY A 102 8.80 3.87 5.22
N ILE A 103 9.80 3.04 4.87
CA ILE A 103 9.61 1.60 4.70
C ILE A 103 10.41 0.90 5.80
N LEU A 104 9.68 0.37 6.79
CA LEU A 104 10.26 -0.19 8.01
C LEU A 104 10.56 -1.66 7.77
N HIS A 105 11.82 -2.05 7.98
CA HIS A 105 12.24 -3.44 7.98
C HIS A 105 11.35 -4.27 8.90
N VAL A 106 10.78 -5.35 8.34
CA VAL A 106 10.15 -6.41 9.11
C VAL A 106 11.26 -7.24 9.74
N THR A 107 10.96 -7.82 10.91
CA THR A 107 11.79 -8.84 11.50
C THR A 107 11.70 -10.12 10.65
N LYS A 108 12.81 -10.53 10.02
CA LYS A 108 12.84 -11.86 9.43
C LYS A 108 12.74 -12.85 10.59
N LYS A 109 11.91 -13.88 10.40
CA LYS A 109 11.38 -14.71 11.48
C LYS A 109 9.95 -14.27 11.78
N LYS A 110 9.65 -12.97 11.66
CA LYS A 110 8.28 -12.46 11.81
C LYS A 110 7.64 -12.17 10.45
N VAL A 111 8.23 -12.64 9.34
CA VAL A 111 7.67 -12.42 8.02
C VAL A 111 6.30 -13.07 7.92
N PHE A 112 6.20 -14.34 8.33
CA PHE A 112 4.96 -15.09 8.17
C PHE A 112 3.84 -14.45 9.00
N GLU A 113 4.15 -14.17 10.27
CA GLU A 113 3.21 -13.66 11.23
C GLU A 113 2.63 -12.34 10.74
N THR A 114 3.52 -11.50 10.17
CA THR A 114 3.18 -10.22 9.58
C THR A 114 2.23 -10.40 8.40
N LEU A 115 2.68 -11.17 7.40
CA LEU A 115 1.87 -11.45 6.21
C LEU A 115 0.47 -11.89 6.62
N GLU A 116 0.38 -12.94 7.43
CA GLU A 116 -0.90 -13.45 7.89
C GLU A 116 -1.68 -12.30 8.51
N ALA A 117 -0.99 -11.54 9.38
CA ALA A 117 -1.55 -10.36 10.03
C ALA A 117 -2.02 -9.34 8.98
N ARG A 118 -1.23 -9.14 7.91
CA ARG A 118 -1.55 -8.17 6.87
C ARG A 118 -2.64 -8.70 5.94
N MET A 119 -2.56 -9.98 5.57
CA MET A 119 -3.52 -10.60 4.67
C MET A 119 -4.94 -10.54 5.25
N THR A 120 -5.08 -10.86 6.54
CA THR A 120 -6.36 -10.84 7.24
C THR A 120 -7.00 -9.45 7.12
N GLU A 121 -6.26 -8.41 7.51
CA GLU A 121 -6.77 -7.05 7.56
C GLU A 121 -7.25 -6.63 6.16
N ALA A 122 -6.44 -6.96 5.15
CA ALA A 122 -6.76 -6.70 3.75
C ALA A 122 -8.09 -7.34 3.37
N CYS A 123 -8.32 -8.58 3.82
CA CYS A 123 -9.54 -9.31 3.52
C CYS A 123 -10.72 -8.73 4.27
N ILE A 124 -10.50 -8.34 5.53
CA ILE A 124 -11.55 -7.75 6.35
C ILE A 124 -11.98 -6.42 5.71
N ARG A 125 -11.00 -5.58 5.34
CA ARG A 125 -11.26 -4.23 4.87
C ARG A 125 -11.61 -4.18 3.39
N GLY A 126 -11.42 -5.28 2.66
CA GLY A 126 -11.60 -5.28 1.21
C GLY A 126 -10.49 -4.54 0.47
N TYR A 127 -9.26 -4.65 0.99
CA TYR A 127 -8.11 -3.96 0.40
C TYR A 127 -7.37 -4.93 -0.53
N ASN A 128 -7.98 -5.18 -1.69
CA ASN A 128 -7.44 -5.92 -2.82
C ASN A 128 -7.02 -7.35 -2.45
N PRO A 129 -7.85 -8.15 -1.74
CA PRO A 129 -7.48 -9.51 -1.34
C PRO A 129 -7.49 -10.52 -2.50
N GLY A 130 -8.45 -10.38 -3.42
CA GLY A 130 -8.47 -11.19 -4.63
C GLY A 130 -7.16 -11.06 -5.40
N LEU A 131 -6.71 -9.81 -5.57
CA LEU A 131 -5.50 -9.51 -6.31
C LEU A 131 -4.26 -9.86 -5.49
N LEU A 132 -4.20 -9.46 -4.20
CA LEU A 132 -2.93 -9.42 -3.49
C LEU A 132 -2.72 -10.60 -2.54
N VAL A 133 -3.79 -11.34 -2.21
CA VAL A 133 -3.65 -12.42 -1.22
C VAL A 133 -3.77 -13.75 -1.95
N HIS A 134 -4.93 -14.03 -2.53
CA HIS A 134 -5.15 -15.26 -3.27
C HIS A 134 -6.33 -15.05 -4.21
N PRO A 135 -6.29 -15.61 -5.44
CA PRO A 135 -7.37 -15.41 -6.42
C PRO A 135 -8.77 -15.74 -5.93
N ASP A 136 -8.89 -16.77 -5.09
CA ASP A 136 -10.18 -17.31 -4.66
C ASP A 136 -10.70 -16.56 -3.43
N LEU A 137 -9.95 -15.57 -2.92
CA LEU A 137 -10.45 -14.66 -1.91
C LEU A 137 -11.05 -13.43 -2.58
N ALA A 138 -11.57 -13.62 -3.80
CA ALA A 138 -11.89 -12.56 -4.75
C ALA A 138 -13.04 -11.66 -4.27
N TYR A 139 -13.83 -12.12 -3.30
CA TYR A 139 -14.97 -11.37 -2.81
C TYR A 139 -14.44 -10.26 -1.90
N LEU A 140 -14.16 -9.13 -2.53
CA LEU A 140 -13.43 -8.03 -1.94
C LEU A 140 -14.33 -7.26 -0.97
N GLN A 141 -15.45 -6.76 -1.50
CA GLN A 141 -16.35 -5.90 -0.77
C GLN A 141 -17.73 -5.93 -1.44
N ASP A 147 -17.38 -3.75 7.27
CA ASP A 147 -16.27 -4.57 6.72
C ASP A 147 -16.76 -6.02 6.55
N ARG A 148 -16.07 -7.00 7.15
CA ARG A 148 -16.24 -8.40 6.79
C ARG A 148 -15.84 -9.31 7.96
N GLN A 149 -16.75 -10.22 8.35
N GLN A 149 -16.75 -10.21 8.35
CA GLN A 149 -16.44 -11.23 9.37
CA GLN A 149 -16.48 -11.24 9.34
C GLN A 149 -15.95 -12.49 8.66
C GLN A 149 -15.94 -12.48 8.63
N LEU A 150 -14.82 -13.03 9.13
CA LEU A 150 -14.06 -14.03 8.40
C LEU A 150 -14.55 -15.45 8.71
N GLY A 151 -15.10 -16.10 7.68
CA GLY A 151 -15.38 -17.53 7.70
C GLY A 151 -14.12 -18.39 7.76
N ASP A 152 -14.31 -19.66 8.11
CA ASP A 152 -13.22 -20.61 8.38
C ASP A 152 -12.42 -20.91 7.12
N ARG A 153 -13.10 -20.97 5.97
CA ARG A 153 -12.47 -21.30 4.70
C ARG A 153 -11.60 -20.13 4.22
N GLU A 154 -12.05 -18.91 4.53
CA GLU A 154 -11.27 -17.72 4.26
C GLU A 154 -9.97 -17.80 5.04
N LYS A 155 -10.06 -18.10 6.35
CA LYS A 155 -8.89 -18.19 7.21
C LYS A 155 -7.90 -19.22 6.68
N GLU A 156 -8.39 -20.34 6.11
CA GLU A 156 -7.49 -21.40 5.69
C GLU A 156 -6.73 -21.01 4.42
N LEU A 157 -7.41 -20.37 3.45
CA LEU A 157 -6.72 -19.85 2.29
C LEU A 157 -5.64 -18.85 2.72
N ILE A 158 -5.96 -18.01 3.72
CA ILE A 158 -5.02 -17.01 4.23
C ILE A 158 -3.79 -17.69 4.85
N ARG A 159 -4.01 -18.67 5.73
CA ARG A 159 -2.89 -19.33 6.37
C ARG A 159 -2.02 -19.99 5.31
N GLN A 160 -2.67 -20.63 4.32
CA GLN A 160 -1.97 -21.31 3.23
C GLN A 160 -1.19 -20.30 2.40
N ALA A 161 -1.85 -19.20 2.01
CA ALA A 161 -1.21 -18.18 1.20
C ALA A 161 0.03 -17.64 1.92
N ALA A 162 -0.14 -17.25 3.19
CA ALA A 162 0.92 -16.66 4.01
C ALA A 162 2.13 -17.58 4.12
N LEU A 163 1.87 -18.88 4.32
CA LEU A 163 2.91 -19.89 4.44
C LEU A 163 3.73 -19.87 3.15
N GLN A 164 3.01 -19.98 2.02
CA GLN A 164 3.56 -20.08 0.68
C GLN A 164 4.37 -18.82 0.35
N GLN A 165 3.77 -17.66 0.58
CA GLN A 165 4.33 -16.39 0.15
C GLN A 165 5.48 -15.91 1.05
N THR A 166 5.67 -16.54 2.23
CA THR A 166 6.75 -16.18 3.14
C THR A 166 8.10 -16.61 2.56
N LYS A 167 8.12 -17.76 1.88
CA LYS A 167 9.32 -18.29 1.25
C LYS A 167 9.75 -17.40 0.09
N GLU A 168 8.76 -16.79 -0.57
CA GLU A 168 8.94 -16.05 -1.81
C GLU A 168 9.49 -14.65 -1.54
N MET A 169 9.29 -14.16 -0.30
CA MET A 169 9.48 -12.78 0.09
C MET A 169 10.91 -12.31 -0.18
N ASP A 170 11.03 -11.24 -0.98
CA ASP A 170 12.29 -10.54 -1.19
C ASP A 170 12.24 -9.23 -0.40
N LEU A 171 13.07 -9.13 0.65
CA LEU A 171 13.03 -7.97 1.55
C LEU A 171 13.93 -6.84 1.05
N SER A 172 14.55 -6.98 -0.13
CA SER A 172 15.42 -5.93 -0.67
C SER A 172 14.66 -5.02 -1.65
N VAL A 173 13.42 -5.38 -2.01
CA VAL A 173 12.67 -4.61 -3.00
C VAL A 173 11.18 -4.59 -2.64
N VAL A 174 10.53 -3.42 -2.84
CA VAL A 174 9.08 -3.29 -2.71
C VAL A 174 8.51 -2.46 -3.86
N ARG A 175 7.16 -2.35 -3.89
CA ARG A 175 6.41 -1.39 -4.69
C ARG A 175 5.28 -0.78 -3.86
N LEU A 176 4.87 0.43 -4.25
CA LEU A 176 3.68 1.04 -3.68
C LEU A 176 2.47 0.62 -4.52
N MET A 177 1.35 0.32 -3.87
N MET A 177 1.37 0.35 -3.81
CA MET A 177 0.10 0.19 -4.59
CA MET A 177 0.04 0.14 -4.37
C MET A 177 -0.87 1.23 -4.06
C MET A 177 -0.84 1.33 -3.99
N PHE A 178 -1.39 2.06 -4.96
CA PHE A 178 -2.32 3.14 -4.65
C PHE A 178 -3.73 2.69 -5.02
N THR A 179 -4.66 2.81 -4.06
CA THR A 179 -6.07 2.52 -4.29
C THR A 179 -6.91 3.68 -3.77
N ALA A 180 -7.81 4.18 -4.63
CA ALA A 180 -8.74 5.25 -4.27
C ALA A 180 -10.12 4.67 -4.01
N PHE A 181 -10.83 5.29 -3.05
CA PHE A 181 -12.21 4.92 -2.74
C PHE A 181 -13.08 6.18 -2.85
N LEU A 182 -14.24 6.05 -3.50
CA LEU A 182 -15.22 7.12 -3.62
C LEU A 182 -16.38 6.80 -2.68
N PRO A 183 -17.20 7.81 -2.26
CA PRO A 183 -18.29 7.56 -1.31
C PRO A 183 -19.56 6.97 -1.94
N ASP A 184 -20.14 5.99 -1.24
CA ASP A 184 -21.46 5.47 -1.57
C ASP A 184 -22.52 6.46 -1.06
N SER A 185 -23.81 6.09 -1.19
CA SER A 185 -24.93 6.94 -0.82
C SER A 185 -24.87 7.31 0.67
N THR A 186 -24.44 6.37 1.52
CA THR A 186 -24.38 6.59 2.96
C THR A 186 -23.22 7.51 3.34
N GLY A 187 -22.26 7.70 2.42
CA GLY A 187 -21.08 8.50 2.68
C GLY A 187 -19.85 7.64 2.99
N SER A 188 -20.07 6.35 3.24
CA SER A 188 -18.99 5.40 3.43
C SER A 188 -18.20 5.25 2.13
N PHE A 189 -16.86 5.22 2.24
CA PHE A 189 -16.00 5.14 1.07
C PHE A 189 -15.92 3.69 0.59
N THR A 190 -16.81 3.36 -0.35
CA THR A 190 -17.13 1.98 -0.72
C THR A 190 -16.83 1.72 -2.20
N ARG A 191 -17.00 2.75 -3.05
CA ARG A 191 -16.76 2.63 -4.48
C ARG A 191 -15.25 2.59 -4.74
N ARG A 192 -14.69 1.38 -4.85
CA ARG A 192 -13.26 1.20 -5.04
C ARG A 192 -12.89 1.27 -6.52
N LEU A 193 -11.97 2.19 -6.86
CA LEU A 193 -11.41 2.29 -8.19
C LEU A 193 -10.25 1.30 -8.30
N GLU A 194 -10.01 0.80 -9.52
CA GLU A 194 -8.93 -0.16 -9.74
C GLU A 194 -7.62 0.48 -9.27
N PRO A 195 -6.78 -0.30 -8.54
CA PRO A 195 -5.50 0.21 -8.03
C PRO A 195 -4.42 0.37 -9.10
N VAL A 196 -3.39 1.17 -8.77
CA VAL A 196 -2.23 1.39 -9.62
C VAL A 196 -0.95 1.13 -8.82
N VAL A 197 -0.02 0.34 -9.41
CA VAL A 197 1.22 -0.06 -8.78
C VAL A 197 2.31 0.93 -9.19
N SER A 198 3.24 1.22 -8.27
CA SER A 198 4.39 2.07 -8.57
C SER A 198 5.54 1.26 -9.14
N ASP A 199 6.54 1.98 -9.67
CA ASP A 199 7.89 1.47 -9.85
C ASP A 199 8.40 0.81 -8.56
N ALA A 200 9.29 -0.18 -8.75
CA ALA A 200 10.02 -0.84 -7.69
C ALA A 200 10.92 0.16 -6.96
N ILE A 201 11.01 -0.02 -5.64
CA ILE A 201 11.91 0.68 -4.74
C ILE A 201 12.87 -0.35 -4.16
N TYR A 202 14.18 -0.11 -4.36
CA TYR A 202 15.22 -0.99 -3.88
C TYR A 202 15.89 -0.37 -2.66
N ASP A 203 16.09 -1.20 -1.63
CA ASP A 203 16.85 -0.81 -0.44
C ASP A 203 18.28 -0.43 -0.84
N SER A 204 18.72 0.75 -0.36
CA SER A 204 20.09 1.25 -0.50
C SER A 204 21.06 0.40 0.31
N LYS A 205 20.66 0.07 1.55
CA LYS A 205 21.46 -0.68 2.49
C LYS A 205 22.63 0.17 3.00
N ALA A 206 22.45 1.50 3.01
CA ALA A 206 23.50 2.43 3.39
C ALA A 206 22.92 3.57 4.24
N1 JMR B . 21.70 2.17 12.52
N1 JMR B . 21.89 2.35 12.49
N3 JMR B . 20.06 0.64 16.71
N3 JMR B . 20.44 0.29 16.83
C4 JMR B . 23.52 2.53 10.23
C4 JMR B . 23.76 2.53 10.11
C5 JMR B . 22.33 3.43 10.08
C5 JMR B . 22.62 3.51 10.00
C6 JMR B . 21.48 0.73 12.38
C6 JMR B . 21.60 0.92 12.37
C7 JMR B . 22.52 -0.07 13.22
C7 JMR B . 22.67 0.08 13.12
C8 JMR B . 21.94 0.07 14.65
C8 JMR B . 22.16 0.13 14.59
C10 JMR B . 19.62 0.59 15.49
C10 JMR B . 19.97 0.47 15.63
CL JMR B . 27.15 -0.05 10.73
CL JMR B . 27.18 -0.38 10.34
C1 JMR B . 25.73 0.93 10.51
C1 JMR B . 25.86 0.74 10.25
C2 JMR B . 25.66 2.13 11.19
C2 JMR B . 24.69 0.39 9.59
C3 JMR B . 24.55 2.94 11.04
C3 JMR B . 23.64 1.29 9.52
S JMR B . 21.11 3.23 11.40
S JMR B . 21.37 3.40 11.32
O1 JMR B . 21.00 4.49 12.06
O1 JMR B . 21.31 4.70 11.91
O2 JMR B . 19.95 2.58 10.91
O2 JMR B . 20.17 2.82 10.83
N2 JMR B . 20.49 0.32 14.48
N2 JMR B . 20.72 0.38 14.52
C9 JMR B . 20.17 0.29 13.05
C9 JMR B . 20.32 0.53 13.11
C11 JMR B . 23.57 1.33 9.54
C11 JMR B . 24.93 2.89 10.76
BR JMR B . 22.12 0.81 8.42
BR JMR B . 25.07 4.61 11.55
C12 JMR B . 24.69 0.52 9.69
C12 JMR B . 25.98 1.99 10.84
#